data_5OSW
#
_entry.id   5OSW
#
_cell.length_a   42.420
_cell.length_b   66.060
_cell.length_c   213.590
_cell.angle_alpha   90.00
_cell.angle_beta   90.00
_cell.angle_gamma   90.00
#
_symmetry.space_group_name_H-M   'P 21 21 21'
#
loop_
_entity.id
_entity.type
_entity.pdbx_description
1 polymer Albumin
2 non-polymer '2-HYDROXY-3,5-DIIODO-BENZOIC ACID'
3 non-polymer 'CITRIC ACID'
4 non-polymer "O-(O-(2-AMINOPROPYL)-O'-(2-METHOXYETHYL)POLYPROPYLENE GLYCOL 500)"
5 non-polymer 3,6,9,12,15-PENTAOXAHEPTADECAN-1-OL
6 water water
#
_entity_poly.entity_id   1
_entity_poly.type   'polypeptide(L)'
_entity_poly.pdbx_seq_one_letter_code
;DTHKSEIAHRFNDLGEENFQGLVLIAFSQYLQQCPFDEHVKLVKELTEFAKTCVADESHAGCDKSLHTLFGDELCKVATL
RETYGDMADCCEKQEPERNECFLKHKDDSPDLPKLKPEPDTLCAEFKADEKKFWGKYLYEVARRHPYFYAPELLYYANKY
NGVFQECCQAEDKGACLLPKIETMREKVLASSARQRLRCASIQKFGERALKAWSVARLSQKFPKADFTDVTKIVTDLTKV
HKECCHGDLLECADDRADLAKYICDHQDTLSSKLKECCDKPVLEKSHCIAEIDKDAVPENLPPLTADFAEDKEVCKNYQE
AKDVFLGSFLYEYSRRHPEYAVSVLLRLAKEYEATLEDCCAKEDPHACYATVFDKLKHLVDEPQNLIKKNCELFEKHGEY
GFQNALIVRYTRKAPQVSTPTLVEISRSLGKVGTKCCAKPESERMPCTEDYLSLILNRLCVLHEKTPVSEKVTKCCTESL
VNRRPCFSDLTLDETYVPKPFDGESFTFHADICTLPDTEKQIKKQTALVELLKHKPKATDEQLKTVMENFVAFVDKCCAA
DDKEGCFLLEGPKLVASTQAALA
;
_entity_poly.pdbx_strand_id   A
#
loop_
_chem_comp.id
_chem_comp.type
_chem_comp.name
_chem_comp.formula
AE4 non-polymer 3,6,9,12,15-PENTAOXAHEPTADECAN-1-OL 'C12 H26 O6'
CIT non-polymer 'CITRIC ACID' 'C6 H8 O7'
DIU non-polymer '2-HYDROXY-3,5-DIIODO-BENZOIC ACID' 'C7 H4 I2 O3'
JEF non-polymer 'O-(O-(2-AMINOPROPYL)-O'-(2-METHOXYETHYL)POLYPROPYLENE GLYCOL 500)' 'C30 H63 N O10'
#
# COMPACT_ATOMS: atom_id res chain seq x y z
N ASP A 1 -22.18 15.41 -3.34
CA ASP A 1 -23.03 16.59 -3.10
C ASP A 1 -22.18 17.87 -3.28
N THR A 2 -22.52 18.70 -4.29
CA THR A 2 -21.83 19.98 -4.54
C THR A 2 -22.73 21.17 -4.15
N HIS A 3 -22.12 22.18 -3.57
CA HIS A 3 -22.74 23.47 -3.45
C HIS A 3 -22.15 24.45 -4.45
N LYS A 4 -22.87 25.54 -4.70
CA LYS A 4 -22.31 26.67 -5.47
C LYS A 4 -20.97 27.18 -4.94
N SER A 5 -20.87 27.28 -3.59
CA SER A 5 -19.64 27.71 -2.86
C SER A 5 -19.12 26.50 -2.10
N GLU A 6 -18.18 25.79 -2.72
CA GLU A 6 -17.64 24.62 -2.10
C GLU A 6 -16.77 24.91 -0.85
N ILE A 7 -16.03 25.99 -0.85
CA ILE A 7 -15.17 26.23 0.33
C ILE A 7 -15.96 26.33 1.65
N ALA A 8 -17.04 27.11 1.58
CA ALA A 8 -18.01 27.24 2.68
C ALA A 8 -18.60 25.91 3.03
N HIS A 9 -18.99 25.13 2.01
CA HIS A 9 -19.75 23.88 2.19
C HIS A 9 -18.88 22.94 3.00
N ARG A 10 -17.64 22.76 2.55
CA ARG A 10 -16.68 21.84 3.22
C ARG A 10 -16.18 22.45 4.55
N PHE A 11 -16.03 23.77 4.69
CA PHE A 11 -15.62 24.36 6.03
C PHE A 11 -16.76 24.17 7.01
N ASN A 12 -18.00 24.49 6.59
CA ASN A 12 -19.19 24.14 7.40
C ASN A 12 -19.32 22.68 7.83
N ASP A 13 -19.19 21.77 6.87
CA ASP A 13 -19.28 20.36 7.14
C ASP A 13 -18.17 19.80 8.02
N LEU A 14 -16.93 20.31 7.92
CA LEU A 14 -15.74 19.65 8.54
C LEU A 14 -15.29 20.26 9.89
N GLY A 15 -15.62 21.52 10.12
CA GLY A 15 -15.12 22.28 11.27
C GLY A 15 -13.74 22.79 10.94
N GLU A 16 -13.29 23.86 11.65
CA GLU A 16 -12.00 24.52 11.32
C GLU A 16 -10.84 23.58 11.47
N GLU A 17 -10.87 22.74 12.53
CA GLU A 17 -9.67 21.96 12.91
C GLU A 17 -9.35 20.99 11.81
N ASN A 18 -10.38 20.28 11.36
CA ASN A 18 -10.14 19.25 10.35
C ASN A 18 -9.96 19.80 8.96
N PHE A 19 -10.64 20.93 8.69
CA PHE A 19 -10.42 21.67 7.44
C PHE A 19 -8.99 22.08 7.28
N GLN A 20 -8.40 22.60 8.34
CA GLN A 20 -7.00 23.04 8.28
C GLN A 20 -6.02 21.88 8.06
N GLY A 21 -6.19 20.81 8.85
CA GLY A 21 -5.41 19.56 8.63
C GLY A 21 -5.43 19.08 7.22
N LEU A 22 -6.62 18.94 6.67
CA LEU A 22 -6.73 18.45 5.30
C LEU A 22 -6.05 19.37 4.26
N VAL A 23 -6.26 20.68 4.41
CA VAL A 23 -5.49 21.70 3.61
C VAL A 23 -3.94 21.53 3.71
N LEU A 24 -3.46 21.37 4.94
CA LEU A 24 -2.03 21.14 5.16
C LEU A 24 -1.55 19.85 4.50
N ILE A 25 -2.26 18.74 4.77
CA ILE A 25 -1.96 17.48 4.03
C ILE A 25 -1.92 17.70 2.52
N ALA A 26 -2.95 18.37 1.97
CA ALA A 26 -3.04 18.61 0.54
C ALA A 26 -1.74 19.34 0.06
N PHE A 27 -1.35 20.40 0.79
CA PHE A 27 -0.20 21.23 0.36
C PHE A 27 1.07 20.38 0.41
N SER A 28 1.17 19.58 1.48
CA SER A 28 2.32 18.71 1.72
C SER A 28 2.48 17.60 0.68
N GLN A 29 1.38 17.06 0.15
CA GLN A 29 1.48 15.98 -0.85
C GLN A 29 1.68 16.58 -2.27
N TYR A 30 1.11 17.76 -2.55
CA TYR A 30 1.39 18.39 -3.86
C TYR A 30 2.84 18.96 -3.96
N LEU A 31 3.34 19.55 -2.86
CA LEU A 31 4.69 20.15 -2.77
C LEU A 31 5.49 19.61 -1.62
N GLN A 32 6.01 18.41 -1.84
CA GLN A 32 6.66 17.60 -0.80
C GLN A 32 8.01 18.16 -0.28
N GLN A 33 8.58 19.13 -1.01
CA GLN A 33 9.89 19.67 -0.65
C GLN A 33 9.80 20.96 0.09
N CYS A 34 8.69 21.69 -0.02
CA CYS A 34 8.61 23.04 0.59
C CYS A 34 8.62 22.97 2.11
N PRO A 35 9.16 24.02 2.77
CA PRO A 35 9.15 24.14 4.24
C PRO A 35 7.77 24.12 4.89
N PHE A 36 7.68 23.51 6.08
CA PHE A 36 6.51 23.57 6.97
C PHE A 36 5.81 24.95 7.15
N ASP A 37 6.56 25.99 7.54
CA ASP A 37 5.99 27.26 7.86
C ASP A 37 5.43 27.95 6.60
N GLU A 38 6.00 27.65 5.43
CA GLU A 38 5.45 28.13 4.16
C GLU A 38 4.02 27.57 4.01
N HIS A 39 3.87 26.25 4.09
CA HIS A 39 2.53 25.65 3.98
C HIS A 39 1.58 26.17 5.05
N VAL A 40 2.07 26.30 6.29
CA VAL A 40 1.26 26.77 7.40
C VAL A 40 0.70 28.18 7.07
N LYS A 41 1.55 29.06 6.56
CA LYS A 41 1.07 30.39 6.17
C LYS A 41 -0.12 30.26 5.20
N LEU A 42 0.03 29.41 4.19
CA LEU A 42 -1.00 29.22 3.18
C LEU A 42 -2.32 28.63 3.75
N VAL A 43 -2.19 27.71 4.69
CA VAL A 43 -3.33 27.13 5.40
C VAL A 43 -4.14 28.20 6.15
N LYS A 44 -3.47 29.06 6.93
CA LYS A 44 -4.12 30.17 7.66
C LYS A 44 -4.83 31.12 6.71
N GLU A 45 -4.19 31.40 5.57
CA GLU A 45 -4.78 32.29 4.57
C GLU A 45 -6.09 31.73 4.06
N LEU A 46 -6.03 30.45 3.67
CA LEU A 46 -7.19 29.76 3.16
C LEU A 46 -8.35 29.72 4.19
N THR A 47 -8.02 29.45 5.45
CA THR A 47 -9.02 29.42 6.54
C THR A 47 -9.80 30.75 6.66
N GLU A 48 -9.07 31.85 6.55
CA GLU A 48 -9.67 33.18 6.54
C GLU A 48 -10.60 33.41 5.35
N PHE A 49 -10.20 32.92 4.17
CA PHE A 49 -11.06 33.11 3.05
C PHE A 49 -12.32 32.23 3.17
N ALA A 50 -12.11 31.01 3.69
CA ALA A 50 -13.18 30.08 4.04
C ALA A 50 -14.16 30.82 4.93
N LYS A 51 -13.66 31.46 5.99
CA LYS A 51 -14.58 32.13 6.91
C LYS A 51 -15.43 33.20 6.20
N THR A 52 -14.79 33.97 5.32
CA THR A 52 -15.52 35.08 4.70
C THR A 52 -16.59 34.53 3.80
N CYS A 53 -16.38 33.34 3.23
CA CYS A 53 -17.43 32.75 2.37
C CYS A 53 -18.59 32.17 3.14
N VAL A 54 -18.28 31.59 4.30
CA VAL A 54 -19.30 31.10 5.24
C VAL A 54 -20.23 32.28 5.71
N ALA A 55 -19.62 33.41 6.11
CA ALA A 55 -20.37 34.67 6.39
C ALA A 55 -21.12 35.20 5.15
N ASP A 56 -20.45 35.21 4.01
CA ASP A 56 -21.09 35.70 2.78
C ASP A 56 -20.61 35.04 1.47
N GLU A 57 -21.41 34.08 1.02
CA GLU A 57 -21.29 33.39 -0.26
C GLU A 57 -21.33 34.24 -1.55
N SER A 58 -21.89 35.47 -1.51
CA SER A 58 -21.94 36.34 -2.70
C SER A 58 -20.60 37.02 -2.95
N HIS A 59 -19.78 37.03 -1.89
CA HIS A 59 -18.48 37.69 -1.91
C HIS A 59 -17.52 37.01 -2.95
N ALA A 60 -16.70 37.82 -3.62
CA ALA A 60 -15.91 37.45 -4.80
C ALA A 60 -14.92 36.26 -4.64
N GLY A 61 -15.00 35.32 -5.58
CA GLY A 61 -14.20 34.08 -5.49
C GLY A 61 -14.79 32.88 -4.74
N CYS A 62 -15.74 33.13 -3.81
CA CYS A 62 -16.42 32.07 -3.07
C CYS A 62 -17.02 30.89 -3.85
N ASP A 63 -17.39 31.14 -5.10
CA ASP A 63 -17.88 30.07 -5.98
C ASP A 63 -16.76 29.38 -6.76
N LYS A 64 -15.51 29.84 -6.61
CA LYS A 64 -14.31 29.21 -7.26
C LYS A 64 -14.28 27.70 -6.94
N SER A 65 -13.77 26.83 -7.81
CA SER A 65 -13.50 25.40 -7.39
C SER A 65 -12.48 25.34 -6.24
N LEU A 66 -12.44 24.23 -5.51
CA LEU A 66 -11.40 24.09 -4.52
C LEU A 66 -10.02 23.95 -5.20
N HIS A 67 -9.98 23.29 -6.36
CA HIS A 67 -8.73 23.23 -7.16
C HIS A 67 -8.17 24.61 -7.43
N THR A 68 -9.04 25.52 -7.90
CA THR A 68 -8.63 26.88 -8.16
C THR A 68 -8.00 27.48 -6.90
N LEU A 69 -8.71 27.41 -5.77
CA LEU A 69 -8.26 28.05 -4.51
C LEU A 69 -6.97 27.48 -3.97
N PHE A 70 -6.88 26.15 -3.96
CA PHE A 70 -5.68 25.41 -3.54
C PHE A 70 -4.47 25.76 -4.41
N GLY A 71 -4.67 25.66 -5.71
CA GLY A 71 -3.59 25.77 -6.67
C GLY A 71 -3.02 27.16 -6.75
N ASP A 72 -3.89 28.17 -6.80
CA ASP A 72 -3.51 29.57 -6.71
C ASP A 72 -2.68 29.84 -5.46
N GLU A 73 -3.06 29.20 -4.36
CA GLU A 73 -2.39 29.38 -3.08
C GLU A 73 -1.00 28.73 -3.06
N LEU A 74 -0.86 27.64 -3.79
CA LEU A 74 0.42 26.97 -3.98
C LEU A 74 1.30 27.78 -4.89
N CYS A 75 0.67 28.41 -5.88
CA CYS A 75 1.39 29.24 -6.83
C CYS A 75 1.60 30.67 -6.32
N LYS A 76 1.40 30.90 -5.03
CA LYS A 76 1.85 32.16 -4.40
C LYS A 76 3.37 32.20 -4.37
N VAL A 77 3.99 31.12 -3.87
CA VAL A 77 5.44 31.00 -3.69
C VAL A 77 6.18 31.54 -4.91
N ALA A 78 7.15 32.44 -4.69
CA ALA A 78 7.90 33.08 -5.79
C ALA A 78 8.81 32.20 -6.66
N THR A 79 9.88 31.62 -6.08
CA THR A 79 10.63 30.61 -6.84
C THR A 79 10.69 29.32 -6.05
N LEU A 80 10.01 28.33 -6.61
CA LEU A 80 10.25 26.94 -6.27
C LEU A 80 10.43 26.17 -7.60
N ARG A 81 10.71 26.94 -8.66
CA ARG A 81 11.16 26.40 -9.97
C ARG A 81 12.44 25.59 -9.80
N GLU A 82 13.34 26.14 -8.99
CA GLU A 82 14.59 25.49 -8.59
C GLU A 82 14.35 24.14 -7.91
N THR A 83 13.35 24.08 -7.03
CA THR A 83 12.97 22.82 -6.36
C THR A 83 12.18 21.86 -7.29
N TYR A 84 11.24 22.41 -8.08
CA TYR A 84 10.39 21.62 -8.97
C TYR A 84 10.53 22.02 -10.45
N GLY A 85 11.72 21.83 -11.02
CA GLY A 85 11.96 22.11 -12.45
C GLY A 85 10.96 21.47 -13.39
N ASP A 86 10.71 20.16 -13.17
CA ASP A 86 9.74 19.39 -13.95
C ASP A 86 8.29 19.84 -13.72
N MET A 87 8.03 20.38 -12.51
CA MET A 87 6.68 20.79 -12.08
C MET A 87 6.44 22.32 -11.91
N ALA A 88 7.48 23.14 -12.04
CA ALA A 88 7.33 24.61 -11.94
C ALA A 88 6.38 25.13 -13.02
N ASP A 89 6.30 24.37 -14.11
CA ASP A 89 5.37 24.63 -15.19
C ASP A 89 3.92 24.40 -14.80
N CYS A 90 3.67 23.69 -13.68
CA CYS A 90 2.28 23.42 -13.23
C CYS A 90 1.53 24.74 -12.99
N CYS A 91 2.18 25.64 -12.29
CA CYS A 91 1.68 26.98 -12.09
C CYS A 91 1.50 27.78 -13.40
N GLU A 92 1.95 27.23 -14.53
CA GLU A 92 1.75 27.88 -15.84
C GLU A 92 0.42 27.58 -16.52
N LYS A 93 -0.41 26.72 -15.94
CA LYS A 93 -1.73 26.53 -16.53
C LYS A 93 -2.87 26.64 -15.53
N GLN A 94 -4.01 26.00 -15.84
CA GLN A 94 -5.24 26.14 -15.04
C GLN A 94 -6.10 24.89 -15.05
N GLU A 95 -7.15 24.90 -14.23
CA GLU A 95 -8.03 23.75 -14.13
C GLU A 95 -8.67 23.40 -15.49
N PRO A 96 -8.92 22.10 -15.74
CA PRO A 96 -8.57 21.02 -14.81
C PRO A 96 -7.14 20.50 -14.97
N GLU A 97 -6.35 21.09 -15.88
CA GLU A 97 -5.05 20.52 -16.19
CA GLU A 97 -5.01 20.60 -16.25
C GLU A 97 -3.93 21.01 -15.27
N ARG A 98 -4.15 22.12 -14.56
CA ARG A 98 -3.15 22.51 -13.56
C ARG A 98 -3.16 21.50 -12.43
N ASN A 99 -4.35 21.03 -12.03
CA ASN A 99 -4.50 20.00 -11.01
C ASN A 99 -3.84 18.67 -11.42
N GLU A 100 -4.05 18.29 -12.69
CA GLU A 100 -3.49 17.07 -13.27
C GLU A 100 -1.97 17.11 -13.32
N CYS A 101 -1.42 18.28 -13.61
CA CYS A 101 0.02 18.48 -13.47
C CYS A 101 0.52 18.26 -12.02
N PHE A 102 -0.19 18.82 -11.04
CA PHE A 102 0.21 18.57 -9.67
C PHE A 102 0.20 17.12 -9.31
N LEU A 103 -0.92 16.49 -9.66
CA LEU A 103 -1.14 15.10 -9.43
C LEU A 103 -0.01 14.24 -9.99
N LYS A 104 0.36 14.43 -11.24
CA LYS A 104 1.42 13.63 -11.87
C LYS A 104 2.78 13.91 -11.27
N HIS A 105 2.90 15.00 -10.53
CA HIS A 105 4.22 15.29 -9.96
C HIS A 105 4.54 14.83 -8.50
N LYS A 106 3.58 14.14 -7.88
CA LYS A 106 3.84 13.41 -6.62
C LYS A 106 5.00 12.45 -6.74
N ASP A 107 5.87 12.46 -5.73
CA ASP A 107 7.06 11.65 -5.74
C ASP A 107 6.92 10.51 -4.75
N ASP A 108 6.94 9.28 -5.25
CA ASP A 108 6.78 8.10 -4.41
C ASP A 108 8.06 7.67 -3.68
N SER A 109 9.19 8.30 -4.04
CA SER A 109 10.47 8.07 -3.39
C SER A 109 11.17 9.41 -3.17
N PRO A 110 10.63 10.25 -2.27
CA PRO A 110 11.24 11.57 -2.07
C PRO A 110 12.58 11.51 -1.34
N ASP A 111 13.45 12.47 -1.58
CA ASP A 111 14.78 12.34 -1.00
C ASP A 111 14.75 12.92 0.43
N LEU A 112 14.23 12.14 1.38
CA LEU A 112 13.91 12.64 2.73
C LEU A 112 14.43 11.76 3.87
N PRO A 113 14.98 12.39 4.92
CA PRO A 113 15.58 11.68 6.06
C PRO A 113 14.63 10.71 6.76
N LYS A 114 15.12 9.49 7.01
CA LYS A 114 14.40 8.55 7.85
C LYS A 114 14.51 9.17 9.23
N LEU A 115 13.51 9.93 9.67
CA LEU A 115 13.70 10.62 10.96
C LEU A 115 13.57 9.69 12.18
N LYS A 116 14.65 9.71 12.95
CA LYS A 116 14.83 8.99 14.19
C LYS A 116 14.01 9.70 15.27
N PRO A 117 13.07 8.99 15.95
CA PRO A 117 12.43 9.74 17.03
C PRO A 117 13.42 10.03 18.17
N GLU A 118 13.41 11.27 18.63
CA GLU A 118 14.25 11.68 19.70
C GLU A 118 13.34 12.24 20.79
N PRO A 119 13.17 11.45 21.89
CA PRO A 119 12.16 11.70 22.93
C PRO A 119 12.22 13.05 23.62
N ASP A 120 13.40 13.46 24.08
CA ASP A 120 13.54 14.72 24.83
C ASP A 120 13.12 15.87 23.91
N THR A 121 13.60 15.79 22.66
CA THR A 121 13.35 16.77 21.60
C THR A 121 11.86 16.91 21.30
N LEU A 122 11.23 15.79 21.01
CA LEU A 122 9.82 15.77 20.62
C LEU A 122 8.91 16.20 21.77
N CYS A 123 9.21 15.75 22.99
CA CYS A 123 8.47 16.19 24.19
C CYS A 123 8.49 17.68 24.44
N ALA A 124 9.63 18.32 24.21
CA ALA A 124 9.79 19.76 24.34
C ALA A 124 8.86 20.47 23.34
N GLU A 125 8.95 20.04 22.08
CA GLU A 125 8.15 20.55 20.98
C GLU A 125 6.68 20.45 21.24
N PHE A 126 6.25 19.33 21.84
CA PHE A 126 4.86 19.13 22.27
C PHE A 126 4.39 20.22 23.22
N LYS A 127 5.20 20.51 24.26
CA LYS A 127 4.95 21.54 25.30
C LYS A 127 4.88 22.95 24.76
N ALA A 128 5.90 23.36 24.00
CA ALA A 128 5.90 24.68 23.38
C ALA A 128 4.58 24.95 22.64
N ASP A 129 4.22 24.07 21.70
CA ASP A 129 3.10 24.32 20.85
C ASP A 129 2.52 23.01 20.32
N GLU A 130 1.52 22.49 21.01
CA GLU A 130 0.98 21.20 20.58
C GLU A 130 0.19 21.20 19.27
N LYS A 131 -0.35 22.37 18.92
CA LYS A 131 -0.99 22.58 17.61
C LYS A 131 0.04 22.48 16.49
N LYS A 132 1.15 23.21 16.65
CA LYS A 132 2.29 23.07 15.75
C LYS A 132 2.81 21.63 15.73
N PHE A 133 2.75 20.95 16.87
CA PHE A 133 3.25 19.59 16.96
C PHE A 133 2.40 18.59 16.13
N TRP A 134 1.08 18.72 16.25
CA TRP A 134 0.07 17.94 15.46
C TRP A 134 0.29 18.23 13.95
N GLY A 135 0.25 19.50 13.57
CA GLY A 135 0.48 19.93 12.20
C GLY A 135 1.78 19.42 11.60
N LYS A 136 2.84 19.41 12.40
CA LYS A 136 4.18 18.94 11.97
C LYS A 136 4.15 17.47 11.59
N TYR A 137 3.41 16.69 12.37
CA TYR A 137 3.27 15.27 12.08
C TYR A 137 2.56 15.08 10.73
N LEU A 138 1.49 15.86 10.48
CA LEU A 138 0.76 15.77 9.22
C LEU A 138 1.69 16.03 8.04
N TYR A 139 2.38 17.15 8.10
CA TYR A 139 3.35 17.57 7.09
C TYR A 139 4.45 16.52 6.85
N GLU A 140 5.09 16.00 7.91
CA GLU A 140 6.19 15.00 7.74
C GLU A 140 5.74 13.67 7.14
N VAL A 141 4.62 13.15 7.64
CA VAL A 141 4.04 11.94 7.07
C VAL A 141 3.53 12.19 5.66
N ALA A 142 2.74 13.27 5.44
CA ALA A 142 2.10 13.47 4.13
C ALA A 142 3.10 13.71 3.02
N ARG A 143 4.19 14.40 3.34
CA ARG A 143 5.24 14.66 2.35
C ARG A 143 6.01 13.38 1.95
N ARG A 144 6.14 12.42 2.87
CA ARG A 144 6.84 11.15 2.61
C ARG A 144 5.98 10.14 1.96
N HIS A 145 4.67 10.30 2.10
CA HIS A 145 3.73 9.29 1.59
C HIS A 145 2.63 10.14 0.90
N PRO A 146 2.88 10.65 -0.32
CA PRO A 146 1.94 11.63 -0.89
C PRO A 146 0.61 11.11 -1.42
N TYR A 147 0.36 9.81 -1.29
CA TYR A 147 -1.01 9.28 -1.49
C TYR A 147 -1.66 8.82 -0.15
N PHE A 148 -1.11 9.24 0.99
CA PHE A 148 -1.67 8.81 2.30
C PHE A 148 -3.11 9.25 2.32
N TYR A 149 -3.97 8.35 2.83
CA TYR A 149 -5.41 8.57 3.06
C TYR A 149 -5.63 9.67 4.02
N ALA A 150 -6.15 10.82 3.56
CA ALA A 150 -6.07 12.04 4.36
C ALA A 150 -6.86 11.99 5.70
N PRO A 151 -8.12 11.48 5.72
CA PRO A 151 -8.82 11.43 6.97
C PRO A 151 -8.24 10.45 8.01
N GLU A 152 -7.56 9.38 7.57
CA GLU A 152 -6.84 8.50 8.51
C GLU A 152 -5.59 9.14 8.99
N LEU A 153 -5.02 10.04 8.17
CA LEU A 153 -3.86 10.78 8.65
C LEU A 153 -4.18 11.67 9.83
N LEU A 154 -5.37 12.30 9.79
CA LEU A 154 -5.81 13.12 10.91
C LEU A 154 -5.99 12.18 12.09
N TYR A 155 -6.59 11.01 11.85
CA TYR A 155 -6.81 10.10 12.99
C TYR A 155 -5.46 9.79 13.63
N TYR A 156 -4.47 9.42 12.80
CA TYR A 156 -3.17 9.02 13.36
C TYR A 156 -2.50 10.18 14.06
N ALA A 157 -2.74 11.40 13.60
CA ALA A 157 -2.07 12.54 14.18
C ALA A 157 -2.64 12.80 15.58
N ASN A 158 -3.97 12.64 15.74
CA ASN A 158 -4.55 12.70 17.09
C ASN A 158 -4.07 11.61 17.99
N LYS A 159 -3.82 10.42 17.43
CA LYS A 159 -3.25 9.32 18.25
C LYS A 159 -1.81 9.67 18.67
N TYR A 160 -1.05 10.26 17.75
CA TYR A 160 0.36 10.62 18.03
C TYR A 160 0.51 11.63 19.17
N ASN A 161 -0.23 12.72 19.08
CA ASN A 161 -0.36 13.66 20.19
C ASN A 161 -0.76 12.95 21.52
N GLY A 162 -1.65 11.96 21.40
CA GLY A 162 -2.10 11.17 22.53
C GLY A 162 -0.97 10.44 23.23
N VAL A 163 -0.01 9.91 22.46
CA VAL A 163 1.15 9.20 22.98
C VAL A 163 2.01 10.16 23.79
N PHE A 164 2.15 11.39 23.31
CA PHE A 164 2.94 12.44 23.97
C PHE A 164 2.27 13.02 25.22
N GLN A 165 0.97 13.34 25.12
CA GLN A 165 0.13 13.68 26.30
C GLN A 165 0.36 12.65 27.43
N GLU A 166 0.35 11.35 27.11
CA GLU A 166 0.69 10.30 28.08
C GLU A 166 2.14 10.37 28.56
N CYS A 167 3.08 10.25 27.64
CA CYS A 167 4.47 9.90 27.94
C CYS A 167 5.46 10.97 28.42
N CYS A 168 5.28 12.21 27.98
CA CYS A 168 6.21 13.29 28.30
C CYS A 168 6.15 13.79 29.75
N GLN A 169 5.30 13.18 30.56
CA GLN A 169 5.26 13.48 31.98
C GLN A 169 5.81 12.32 32.82
N ALA A 170 6.03 11.18 32.17
CA ALA A 170 6.67 10.04 32.80
C ALA A 170 8.14 10.36 33.08
N GLU A 171 8.64 9.78 34.18
CA GLU A 171 10.06 9.83 34.60
C GLU A 171 11.04 9.38 33.50
N ASP A 172 10.81 8.20 32.93
CA ASP A 172 11.48 7.76 31.72
C ASP A 172 10.55 7.95 30.52
N LYS A 173 11.04 8.72 29.55
CA LYS A 173 10.25 9.15 28.40
C LYS A 173 10.43 8.23 27.21
N GLY A 174 11.70 7.91 26.91
CA GLY A 174 12.07 6.96 25.86
C GLY A 174 11.39 5.64 26.01
N ALA A 175 11.46 5.06 27.21
CA ALA A 175 10.82 3.76 27.48
C ALA A 175 9.30 3.82 27.31
N CYS A 176 8.72 4.99 27.54
CA CYS A 176 7.29 5.16 27.38
C CYS A 176 6.94 5.32 25.89
N LEU A 177 7.43 6.39 25.27
CA LEU A 177 7.12 6.73 23.88
C LEU A 177 7.48 5.62 22.93
N LEU A 178 8.77 5.31 22.88
CA LEU A 178 9.35 4.55 21.77
C LEU A 178 8.55 3.30 21.34
N PRO A 179 8.23 2.36 22.26
CA PRO A 179 7.44 1.19 21.84
C PRO A 179 6.06 1.52 21.30
N LYS A 180 5.51 2.68 21.66
CA LYS A 180 4.18 3.09 21.20
C LYS A 180 4.35 3.63 19.78
N ILE A 181 5.49 4.27 19.54
CA ILE A 181 5.79 4.91 18.29
C ILE A 181 6.17 3.89 17.21
N GLU A 182 6.85 2.81 17.61
CA GLU A 182 7.27 1.79 16.64
C GLU A 182 6.06 0.97 16.29
N THR A 183 5.16 0.81 17.25
CA THR A 183 3.90 0.07 17.04
C THR A 183 3.02 0.82 16.07
N MET A 184 2.83 2.11 16.35
CA MET A 184 2.02 3.00 15.48
C MET A 184 2.62 3.11 14.07
N ARG A 185 3.94 3.22 13.97
CA ARG A 185 4.63 3.31 12.71
C ARG A 185 4.28 2.18 11.76
N GLU A 186 4.24 0.96 12.27
CA GLU A 186 3.91 -0.21 11.46
C GLU A 186 2.48 -0.09 10.94
N LYS A 187 1.55 0.36 11.77
CA LYS A 187 0.17 0.58 11.28
C LYS A 187 0.08 1.68 10.27
N VAL A 188 0.82 2.78 10.50
CA VAL A 188 0.87 3.92 9.53
C VAL A 188 1.44 3.46 8.20
N LEU A 189 2.49 2.65 8.23
CA LEU A 189 3.09 2.25 6.95
C LEU A 189 2.11 1.35 6.23
N ALA A 190 1.35 0.57 6.99
CA ALA A 190 0.40 -0.40 6.40
C ALA A 190 -0.71 0.42 5.73
N SER A 191 -1.20 1.42 6.42
CA SER A 191 -2.25 2.24 5.82
C SER A 191 -1.74 2.89 4.52
N SER A 192 -0.51 3.36 4.52
CA SER A 192 0.03 4.10 3.39
C SER A 192 0.12 3.15 2.20
N ALA A 193 0.54 1.91 2.48
CA ALA A 193 0.61 0.90 1.41
C ALA A 193 -0.78 0.53 0.85
N ARG A 194 -1.76 0.34 1.71
CA ARG A 194 -3.15 0.05 1.26
C ARG A 194 -3.68 1.17 0.36
N GLN A 195 -3.62 2.42 0.83
CA GLN A 195 -4.12 3.51 0.03
C GLN A 195 -3.29 3.70 -1.31
N ARG A 196 -1.96 3.50 -1.28
CA ARG A 196 -1.14 3.54 -2.53
C ARG A 196 -1.68 2.55 -3.58
N LEU A 197 -1.99 1.36 -3.12
CA LEU A 197 -2.63 0.39 -4.00
C LEU A 197 -4.05 0.73 -4.43
N ARG A 198 -4.91 1.23 -3.54
CA ARG A 198 -6.22 1.66 -3.98
C ARG A 198 -6.11 2.72 -5.09
N CYS A 199 -5.19 3.68 -4.96
CA CYS A 199 -5.04 4.77 -5.94
C CYS A 199 -4.44 4.24 -7.21
N ALA A 200 -3.46 3.36 -7.09
CA ALA A 200 -2.82 2.70 -8.26
C ALA A 200 -3.88 1.93 -9.03
N SER A 201 -4.80 1.26 -8.31
CA SER A 201 -5.82 0.44 -9.01
C SER A 201 -6.77 1.35 -9.80
N ILE A 202 -7.18 2.43 -9.18
CA ILE A 202 -8.07 3.42 -9.85
C ILE A 202 -7.39 3.98 -11.14
N GLN A 203 -6.14 4.43 -10.97
CA GLN A 203 -5.32 4.99 -12.00
C GLN A 203 -5.04 4.03 -13.16
N LYS A 204 -4.58 2.82 -12.88
CA LYS A 204 -4.15 1.91 -13.96
C LYS A 204 -5.25 1.04 -14.46
N PHE A 205 -6.19 0.71 -13.58
CA PHE A 205 -7.22 -0.33 -13.93
C PHE A 205 -8.66 0.11 -13.97
N GLY A 206 -8.93 1.36 -13.54
CA GLY A 206 -10.30 1.90 -13.55
C GLY A 206 -10.95 1.74 -12.19
N GLU A 207 -11.87 2.61 -11.82
CA GLU A 207 -12.55 2.42 -10.51
C GLU A 207 -13.31 1.07 -10.35
N ARG A 208 -13.73 0.46 -11.47
CA ARG A 208 -14.37 -0.85 -11.48
C ARG A 208 -13.49 -1.89 -10.71
N ALA A 209 -12.16 -1.78 -10.80
CA ALA A 209 -11.28 -2.77 -10.12
C ALA A 209 -11.38 -2.67 -8.54
N LEU A 210 -11.27 -1.42 -8.10
CA LEU A 210 -11.48 -1.06 -6.70
C LEU A 210 -12.88 -1.45 -6.24
N LYS A 211 -13.90 -1.14 -7.07
CA LYS A 211 -15.31 -1.56 -6.81
C LYS A 211 -15.44 -3.05 -6.58
N ALA A 212 -14.79 -3.83 -7.43
CA ALA A 212 -14.79 -5.27 -7.19
C ALA A 212 -14.12 -5.69 -5.93
N TRP A 213 -12.98 -5.09 -5.57
CA TRP A 213 -12.21 -5.53 -4.39
C TRP A 213 -13.15 -5.22 -3.22
N SER A 214 -13.75 -4.03 -3.23
CA SER A 214 -14.59 -3.58 -2.08
C SER A 214 -15.90 -4.36 -1.91
N VAL A 215 -16.51 -4.80 -3.02
CA VAL A 215 -17.67 -5.77 -2.93
C VAL A 215 -17.21 -7.00 -2.22
N ALA A 216 -16.16 -7.63 -2.69
CA ALA A 216 -15.66 -8.79 -1.94
C ALA A 216 -15.36 -8.47 -0.47
N ARG A 217 -14.54 -7.44 -0.19
CA ARG A 217 -14.14 -7.10 1.12
C ARG A 217 -15.31 -6.77 2.05
N LEU A 218 -16.25 -5.96 1.56
CA LEU A 218 -17.38 -5.59 2.42
C LEU A 218 -18.35 -6.71 2.65
N SER A 219 -18.45 -7.64 1.70
CA SER A 219 -19.33 -8.84 1.85
C SER A 219 -18.80 -9.68 2.93
N GLN A 220 -17.47 -9.63 3.19
CA GLN A 220 -16.91 -10.44 4.30
C GLN A 220 -17.13 -9.77 5.64
N LYS A 221 -17.27 -8.43 5.62
CA LYS A 221 -17.45 -7.64 6.84
C LYS A 221 -18.90 -7.64 7.23
N PHE A 222 -19.76 -7.54 6.21
CA PHE A 222 -21.16 -7.41 6.38
C PHE A 222 -21.94 -8.54 5.71
N PRO A 223 -21.62 -9.83 6.04
CA PRO A 223 -22.26 -10.87 5.26
C PRO A 223 -23.77 -11.02 5.42
N LYS A 224 -24.32 -10.53 6.53
CA LYS A 224 -25.75 -10.63 6.75
C LYS A 224 -26.47 -9.50 5.98
N ALA A 225 -25.76 -8.45 5.60
CA ALA A 225 -26.31 -7.44 4.71
C ALA A 225 -26.81 -8.04 3.40
N ASP A 226 -27.90 -7.46 2.83
CA ASP A 226 -28.31 -7.83 1.45
C ASP A 226 -27.51 -7.13 0.35
N PHE A 227 -27.70 -7.55 -0.88
CA PHE A 227 -26.81 -7.17 -1.93
C PHE A 227 -27.04 -5.71 -2.23
N THR A 228 -28.30 -5.29 -2.10
CA THR A 228 -28.64 -3.86 -2.35
C THR A 228 -27.73 -2.99 -1.49
N ASP A 229 -27.63 -3.36 -0.22
CA ASP A 229 -26.98 -2.51 0.77
C ASP A 229 -25.47 -2.57 0.65
N VAL A 230 -24.92 -3.73 0.36
CA VAL A 230 -23.47 -3.81 0.13
C VAL A 230 -23.13 -2.96 -1.09
N THR A 231 -23.92 -3.04 -2.16
CA THR A 231 -23.68 -2.22 -3.39
C THR A 231 -23.73 -0.73 -3.07
N LYS A 232 -24.62 -0.34 -2.14
CA LYS A 232 -24.84 1.13 -1.90
C LYS A 232 -23.61 1.64 -1.09
N ILE A 233 -23.12 0.83 -0.16
CA ILE A 233 -21.94 1.24 0.60
C ILE A 233 -20.70 1.25 -0.33
N VAL A 234 -20.47 0.21 -1.16
CA VAL A 234 -19.30 0.18 -2.10
C VAL A 234 -19.33 1.42 -3.00
N THR A 235 -20.51 1.80 -3.49
CA THR A 235 -20.62 2.98 -4.40
C THR A 235 -20.06 4.19 -3.66
N ASP A 236 -20.52 4.35 -2.42
CA ASP A 236 -20.16 5.50 -1.60
C ASP A 236 -18.72 5.51 -1.20
N LEU A 237 -18.22 4.31 -0.84
CA LEU A 237 -16.80 4.19 -0.48
C LEU A 237 -15.89 4.41 -1.67
N THR A 238 -16.32 3.96 -2.84
CA THR A 238 -15.50 4.09 -4.02
C THR A 238 -15.38 5.53 -4.38
N LYS A 239 -16.45 6.30 -4.18
CA LYS A 239 -16.38 7.71 -4.44
C LYS A 239 -15.41 8.37 -3.47
N VAL A 240 -15.50 8.02 -2.19
CA VAL A 240 -14.57 8.59 -1.20
C VAL A 240 -13.10 8.29 -1.61
N HIS A 241 -12.82 7.02 -1.92
CA HIS A 241 -11.42 6.66 -2.26
C HIS A 241 -10.85 7.40 -3.52
N LYS A 242 -11.73 7.61 -4.53
CA LYS A 242 -11.45 8.25 -5.75
C LYS A 242 -11.21 9.72 -5.48
N GLU A 243 -12.06 10.33 -4.64
CA GLU A 243 -11.76 11.66 -4.11
C GLU A 243 -10.45 11.85 -3.41
N CYS A 244 -10.14 11.00 -2.43
CA CYS A 244 -8.88 11.12 -1.75
C CYS A 244 -7.71 10.82 -2.73
N CYS A 245 -7.85 9.87 -3.66
CA CYS A 245 -6.72 9.56 -4.59
C CYS A 245 -6.45 10.65 -5.68
N HIS A 246 -7.44 11.52 -5.82
CA HIS A 246 -7.36 12.60 -6.77
C HIS A 246 -7.08 13.95 -6.11
N GLY A 247 -6.79 13.94 -4.82
CA GLY A 247 -6.50 15.18 -4.06
C GLY A 247 -7.71 16.01 -3.67
N ASP A 248 -8.88 15.44 -3.85
CA ASP A 248 -10.11 16.10 -3.44
C ASP A 248 -10.39 15.78 -1.95
N LEU A 249 -9.55 16.34 -1.11
CA LEU A 249 -9.36 15.88 0.27
C LEU A 249 -10.48 16.28 1.19
N LEU A 250 -11.04 17.48 0.96
CA LEU A 250 -12.08 17.93 1.81
C LEU A 250 -13.33 17.20 1.42
N GLU A 251 -13.56 17.00 0.11
CA GLU A 251 -14.69 16.15 -0.33
C GLU A 251 -14.58 14.75 0.22
N CYS A 252 -13.35 14.22 0.13
CA CYS A 252 -13.01 12.85 0.58
C CYS A 252 -13.47 12.64 2.01
N ALA A 253 -13.00 13.53 2.90
CA ALA A 253 -13.35 13.48 4.33
C ALA A 253 -14.82 13.73 4.64
N ASP A 254 -15.44 14.64 3.92
CA ASP A 254 -16.84 14.92 4.16
C ASP A 254 -17.69 13.73 3.76
N ASP A 255 -17.35 13.13 2.60
CA ASP A 255 -18.07 11.96 2.14
C ASP A 255 -17.79 10.75 3.04
N ARG A 256 -16.61 10.63 3.63
CA ARG A 256 -16.32 9.45 4.48
C ARG A 256 -17.07 9.62 5.79
N ALA A 257 -17.03 10.81 6.39
CA ALA A 257 -17.97 11.14 7.53
C ALA A 257 -19.46 10.81 7.26
N ASP A 258 -20.02 11.17 6.11
CA ASP A 258 -21.40 10.75 5.82
C ASP A 258 -21.63 9.27 5.70
N LEU A 259 -20.66 8.55 5.20
CA LEU A 259 -20.83 7.13 5.03
C LEU A 259 -20.80 6.49 6.41
N ALA A 260 -20.01 7.07 7.31
CA ALA A 260 -19.82 6.54 8.65
C ALA A 260 -21.10 6.67 9.39
N LYS A 261 -21.84 7.80 9.16
CA LYS A 261 -23.09 7.99 9.78
C LYS A 261 -24.10 7.04 9.16
N TYR A 262 -24.00 6.75 7.84
CA TYR A 262 -24.96 5.86 7.18
C TYR A 262 -24.81 4.46 7.75
N ILE A 263 -23.57 4.00 7.83
CA ILE A 263 -23.27 2.65 8.33
C ILE A 263 -23.73 2.50 9.81
N CYS A 264 -23.43 3.46 10.65
CA CYS A 264 -23.88 3.37 12.04
C CYS A 264 -25.41 3.43 12.25
N ASP A 265 -26.11 4.23 11.41
CA ASP A 265 -27.57 4.16 11.29
C ASP A 265 -28.17 2.82 10.93
N HIS A 266 -27.41 1.96 10.26
CA HIS A 266 -27.92 0.71 9.76
C HIS A 266 -27.16 -0.43 10.40
N GLN A 267 -26.57 -0.15 11.55
CA GLN A 267 -25.72 -1.18 12.12
C GLN A 267 -26.40 -2.46 12.38
N ASP A 268 -27.72 -2.42 12.65
CA ASP A 268 -28.51 -3.64 12.96
C ASP A 268 -28.64 -4.58 11.78
N THR A 269 -28.47 -4.07 10.57
CA THR A 269 -28.59 -4.92 9.42
C THR A 269 -27.28 -5.09 8.69
N LEU A 270 -26.16 -4.72 9.36
CA LEU A 270 -24.84 -4.76 8.72
C LEU A 270 -23.86 -5.66 9.48
N SER A 271 -23.60 -5.29 10.73
CA SER A 271 -22.77 -6.14 11.64
C SER A 271 -22.95 -5.78 13.09
N SER A 272 -23.05 -6.81 13.94
CA SER A 272 -23.11 -6.54 15.41
C SER A 272 -21.75 -5.95 15.99
N LYS A 273 -20.64 -6.08 15.20
CA LYS A 273 -19.35 -5.53 15.59
C LYS A 273 -19.26 -4.03 15.59
N LEU A 274 -20.17 -3.39 14.86
CA LEU A 274 -20.21 -1.95 14.80
C LEU A 274 -20.58 -1.24 16.10
N LYS A 275 -21.24 -1.94 17.00
CA LYS A 275 -21.50 -1.37 18.33
C LYS A 275 -20.28 -0.78 18.99
N GLU A 276 -19.11 -1.37 18.69
CA GLU A 276 -17.89 -0.89 19.30
C GLU A 276 -17.43 0.42 18.65
N CYS A 277 -17.86 0.70 17.43
CA CYS A 277 -17.39 1.90 16.71
C CYS A 277 -18.35 3.07 16.85
N CYS A 278 -19.63 2.77 16.97
CA CYS A 278 -20.68 3.76 16.60
C CYS A 278 -20.98 4.91 17.58
N ASP A 279 -20.36 4.88 18.75
CA ASP A 279 -20.51 6.02 19.72
C ASP A 279 -19.25 6.91 19.78
N LYS A 280 -18.34 6.68 18.89
CA LYS A 280 -17.08 7.43 18.85
C LYS A 280 -17.24 8.73 18.03
N PRO A 281 -16.34 9.69 18.27
CA PRO A 281 -16.26 10.91 17.41
C PRO A 281 -15.76 10.53 15.97
N VAL A 282 -15.99 11.45 15.02
CA VAL A 282 -16.06 11.14 13.67
C VAL A 282 -14.85 10.40 13.13
N LEU A 283 -13.64 10.89 13.36
CA LEU A 283 -12.46 10.23 12.78
C LEU A 283 -12.22 8.82 13.35
N GLU A 284 -12.39 8.71 14.65
CA GLU A 284 -12.29 7.45 15.38
C GLU A 284 -13.28 6.45 14.91
N LYS A 285 -14.50 6.91 14.67
CA LYS A 285 -15.63 6.07 14.28
C LYS A 285 -15.30 5.52 12.88
N SER A 286 -14.91 6.43 11.94
CA SER A 286 -14.50 5.99 10.56
C SER A 286 -13.38 4.93 10.57
N HIS A 287 -12.35 5.22 11.35
CA HIS A 287 -11.23 4.26 11.57
C HIS A 287 -11.71 2.93 12.02
N CYS A 288 -12.53 2.95 13.05
CA CYS A 288 -12.99 1.72 13.68
C CYS A 288 -13.84 0.88 12.70
N ILE A 289 -14.69 1.53 11.91
CA ILE A 289 -15.50 0.81 10.87
C ILE A 289 -14.61 0.26 9.75
N ALA A 290 -13.65 1.06 9.30
CA ALA A 290 -12.74 0.65 8.27
C ALA A 290 -11.95 -0.62 8.77
N GLU A 291 -11.67 -0.69 10.05
CA GLU A 291 -10.91 -1.84 10.65
C GLU A 291 -11.77 -3.01 11.13
N ILE A 292 -13.06 -2.96 10.87
CA ILE A 292 -13.95 -3.99 11.45
C ILE A 292 -13.61 -5.42 10.97
N ASP A 293 -13.62 -6.38 11.88
CA ASP A 293 -13.48 -7.79 11.63
C ASP A 293 -14.67 -8.33 10.85
N LYS A 294 -14.34 -9.39 10.11
CA LYS A 294 -15.26 -10.21 9.37
C LYS A 294 -16.30 -10.77 10.27
N ASP A 295 -17.51 -10.93 9.79
CA ASP A 295 -18.62 -11.39 10.65
C ASP A 295 -18.78 -12.86 10.35
N ALA A 296 -19.56 -13.54 11.22
CA ALA A 296 -19.88 -14.95 11.11
C ALA A 296 -20.64 -15.10 9.83
N VAL A 297 -20.40 -16.19 9.11
CA VAL A 297 -21.25 -16.60 7.96
C VAL A 297 -22.69 -16.74 8.45
N PRO A 298 -23.67 -16.13 7.75
CA PRO A 298 -25.04 -16.34 8.18
C PRO A 298 -25.43 -17.81 8.09
N GLU A 299 -26.36 -18.22 8.93
CA GLU A 299 -26.80 -19.61 8.90
C GLU A 299 -27.75 -19.84 7.74
N ASN A 300 -27.75 -21.09 7.25
CA ASN A 300 -28.73 -21.66 6.29
C ASN A 300 -28.81 -20.93 4.95
N LEU A 301 -27.65 -20.63 4.40
CA LEU A 301 -27.63 -20.07 3.08
C LEU A 301 -27.77 -21.17 2.04
N PRO A 302 -28.34 -20.86 0.85
CA PRO A 302 -28.48 -21.90 -0.15
C PRO A 302 -27.11 -22.25 -0.79
N PRO A 303 -27.04 -23.39 -1.49
CA PRO A 303 -25.91 -23.65 -2.36
C PRO A 303 -25.81 -22.57 -3.46
N LEU A 304 -24.60 -22.12 -3.71
CA LEU A 304 -24.20 -21.26 -4.82
C LEU A 304 -24.67 -21.78 -6.19
N THR A 305 -24.73 -23.09 -6.36
CA THR A 305 -25.16 -23.56 -7.66
C THR A 305 -26.55 -23.18 -8.04
N ALA A 306 -27.38 -22.80 -7.08
CA ALA A 306 -28.76 -22.52 -7.35
C ALA A 306 -28.85 -21.34 -8.32
N ASP A 307 -28.18 -20.24 -7.99
CA ASP A 307 -28.28 -19.02 -8.78
C ASP A 307 -27.29 -19.01 -9.89
N PHE A 308 -26.19 -19.75 -9.75
CA PHE A 308 -25.09 -19.56 -10.68
C PHE A 308 -24.79 -20.68 -11.60
N ALA A 309 -25.45 -21.83 -11.43
CA ALA A 309 -25.24 -22.95 -12.30
C ALA A 309 -26.56 -23.58 -12.69
N GLU A 310 -27.52 -23.66 -11.74
CA GLU A 310 -28.80 -24.33 -12.03
C GLU A 310 -29.73 -23.48 -12.83
N ASP A 311 -29.94 -22.26 -12.39
CA ASP A 311 -30.96 -21.40 -12.95
C ASP A 311 -30.81 -21.33 -14.47
N LYS A 312 -31.92 -21.59 -15.18
CA LYS A 312 -31.90 -21.47 -16.66
C LYS A 312 -31.47 -20.08 -17.19
N GLU A 313 -31.70 -19.03 -16.40
CA GLU A 313 -31.36 -17.63 -16.82
C GLU A 313 -29.92 -17.20 -16.52
N VAL A 314 -29.05 -18.14 -16.18
CA VAL A 314 -27.66 -17.79 -15.95
C VAL A 314 -27.08 -16.95 -17.13
N CYS A 315 -27.17 -17.49 -18.35
CA CYS A 315 -26.49 -16.86 -19.49
C CYS A 315 -27.22 -15.59 -19.84
N LYS A 316 -28.53 -15.58 -19.62
CA LYS A 316 -29.35 -14.35 -19.69
C LYS A 316 -28.85 -13.18 -18.83
N ASN A 317 -28.73 -13.45 -17.55
CA ASN A 317 -28.20 -12.52 -16.57
C ASN A 317 -26.77 -12.02 -16.86
N TYR A 318 -25.84 -12.94 -17.09
CA TYR A 318 -24.47 -12.58 -17.55
C TYR A 318 -24.51 -11.61 -18.73
N GLN A 319 -25.45 -11.84 -19.65
CA GLN A 319 -25.56 -11.07 -20.88
C GLN A 319 -26.22 -9.71 -20.70
N GLU A 320 -27.34 -9.68 -19.99
CA GLU A 320 -28.18 -8.48 -19.92
C GLU A 320 -27.86 -7.60 -18.72
N ALA A 321 -27.25 -8.20 -17.70
CA ALA A 321 -26.79 -7.42 -16.57
C ALA A 321 -25.43 -7.92 -16.01
N LYS A 322 -24.36 -7.73 -16.80
CA LYS A 322 -23.08 -8.37 -16.55
C LYS A 322 -22.45 -8.03 -15.20
N ASP A 323 -22.39 -6.75 -14.88
CA ASP A 323 -21.65 -6.32 -13.72
C ASP A 323 -22.45 -6.54 -12.47
N VAL A 324 -23.77 -6.45 -12.59
CA VAL A 324 -24.64 -6.72 -11.46
C VAL A 324 -24.66 -8.21 -11.18
N PHE A 325 -24.78 -9.03 -12.24
CA PHE A 325 -24.60 -10.48 -12.09
C PHE A 325 -23.24 -10.90 -11.47
N LEU A 326 -22.13 -10.37 -11.98
CA LEU A 326 -20.83 -10.75 -11.45
C LEU A 326 -20.60 -10.18 -10.02
N GLY A 327 -21.20 -9.03 -9.76
CA GLY A 327 -21.13 -8.42 -8.44
C GLY A 327 -21.87 -9.31 -7.44
N SER A 328 -23.07 -9.76 -7.84
CA SER A 328 -23.87 -10.70 -7.11
C SER A 328 -23.07 -11.98 -6.77
N PHE A 329 -22.44 -12.57 -7.77
CA PHE A 329 -21.56 -13.74 -7.54
C PHE A 329 -20.46 -13.46 -6.50
N LEU A 330 -19.79 -12.32 -6.61
CA LEU A 330 -18.79 -11.92 -5.62
C LEU A 330 -19.31 -11.77 -4.19
N TYR A 331 -20.43 -11.05 -4.07
CA TYR A 331 -21.08 -10.98 -2.79
C TYR A 331 -21.48 -12.34 -2.19
N GLU A 332 -22.09 -13.21 -2.99
CA GLU A 332 -22.59 -14.47 -2.49
C GLU A 332 -21.43 -15.42 -2.15
N TYR A 333 -20.41 -15.41 -2.98
CA TYR A 333 -19.25 -16.30 -2.66
C TYR A 333 -18.51 -15.76 -1.41
N SER A 334 -18.30 -14.45 -1.36
CA SER A 334 -17.49 -13.75 -0.32
C SER A 334 -18.08 -13.91 1.07
N ARG A 335 -19.42 -13.77 1.14
CA ARG A 335 -20.19 -13.82 2.42
C ARG A 335 -20.16 -15.23 3.03
N ARG A 336 -19.96 -16.24 2.17
CA ARG A 336 -19.85 -17.60 2.60
C ARG A 336 -18.46 -18.05 2.97
N HIS A 337 -17.46 -17.20 2.80
CA HIS A 337 -16.05 -17.58 2.90
C HIS A 337 -15.07 -16.51 3.43
N PRO A 338 -15.12 -16.18 4.74
CA PRO A 338 -14.19 -15.17 5.27
C PRO A 338 -12.74 -15.65 5.31
N GLU A 339 -12.52 -16.95 5.33
CA GLU A 339 -11.20 -17.49 5.27
C GLU A 339 -10.55 -17.41 3.86
N TYR A 340 -11.31 -16.94 2.88
CA TYR A 340 -10.77 -16.74 1.56
C TYR A 340 -10.14 -15.37 1.55
N ALA A 341 -8.96 -15.34 0.96
CA ALA A 341 -8.34 -14.06 0.64
C ALA A 341 -9.26 -13.37 -0.39
N VAL A 342 -9.39 -12.05 -0.29
CA VAL A 342 -10.18 -11.27 -1.28
C VAL A 342 -9.63 -11.47 -2.67
N SER A 343 -8.29 -11.47 -2.78
CA SER A 343 -7.71 -11.73 -4.12
CA SER A 343 -7.65 -11.75 -4.10
C SER A 343 -8.18 -13.08 -4.70
N VAL A 344 -8.27 -14.14 -3.86
CA VAL A 344 -8.75 -15.49 -4.36
C VAL A 344 -10.19 -15.37 -4.83
N LEU A 345 -11.04 -14.68 -4.05
CA LEU A 345 -12.41 -14.52 -4.46
C LEU A 345 -12.55 -13.78 -5.79
N LEU A 346 -11.75 -12.74 -6.02
CA LEU A 346 -11.76 -12.02 -7.29
C LEU A 346 -11.28 -12.91 -8.43
N ARG A 347 -10.32 -13.82 -8.15
CA ARG A 347 -9.87 -14.77 -9.17
C ARG A 347 -10.99 -15.76 -9.48
N LEU A 348 -11.72 -16.22 -8.45
CA LEU A 348 -12.87 -17.13 -8.70
C LEU A 348 -13.90 -16.42 -9.62
N ALA A 349 -14.18 -15.17 -9.37
CA ALA A 349 -15.22 -14.51 -10.14
C ALA A 349 -14.66 -14.28 -11.60
N LYS A 350 -13.35 -14.02 -11.75
CA LYS A 350 -12.75 -13.86 -13.10
C LYS A 350 -12.90 -15.17 -13.90
N GLU A 351 -12.65 -16.33 -13.26
CA GLU A 351 -12.66 -17.63 -13.96
C GLU A 351 -14.14 -18.01 -14.22
N TYR A 352 -15.02 -17.77 -13.24
CA TYR A 352 -16.46 -17.86 -13.52
C TYR A 352 -16.91 -17.03 -14.78
N GLU A 353 -16.63 -15.72 -14.77
CA GLU A 353 -16.74 -14.89 -15.96
C GLU A 353 -16.25 -15.58 -17.26
N ALA A 354 -15.01 -16.07 -17.26
CA ALA A 354 -14.40 -16.62 -18.46
C ALA A 354 -15.16 -17.87 -18.90
N THR A 355 -15.62 -18.61 -17.92
CA THR A 355 -16.39 -19.84 -18.15
C THR A 355 -17.70 -19.54 -18.85
N LEU A 356 -18.45 -18.55 -18.36
CA LEU A 356 -19.69 -18.14 -19.10
C LEU A 356 -19.38 -17.58 -20.46
N GLU A 357 -18.33 -16.74 -20.59
CA GLU A 357 -18.11 -16.11 -21.90
C GLU A 357 -17.90 -17.23 -22.90
N ASP A 358 -17.24 -18.28 -22.48
CA ASP A 358 -17.04 -19.46 -23.28
C ASP A 358 -18.35 -20.23 -23.48
N CYS A 359 -19.11 -20.46 -22.42
CA CYS A 359 -20.14 -21.49 -22.49
C CYS A 359 -21.38 -20.93 -23.08
N CYS A 360 -21.63 -19.67 -22.85
CA CYS A 360 -22.89 -19.11 -23.29
C CYS A 360 -22.97 -19.00 -24.86
N ALA A 361 -21.85 -19.31 -25.53
CA ALA A 361 -21.76 -19.39 -26.99
C ALA A 361 -22.02 -20.78 -27.58
N LYS A 362 -22.29 -21.75 -26.71
CA LYS A 362 -22.48 -23.15 -27.14
C LYS A 362 -23.95 -23.48 -27.40
N GLU A 363 -24.21 -24.51 -28.19
CA GLU A 363 -25.56 -25.05 -28.34
C GLU A 363 -26.26 -25.28 -26.97
N ASP A 364 -25.58 -26.05 -26.10
CA ASP A 364 -26.05 -26.34 -24.72
C ASP A 364 -25.18 -25.67 -23.60
N PRO A 365 -25.47 -24.41 -23.18
CA PRO A 365 -24.51 -23.73 -22.28
C PRO A 365 -24.35 -24.45 -20.96
N HIS A 366 -25.48 -24.75 -20.35
CA HIS A 366 -25.47 -25.44 -19.06
C HIS A 366 -24.65 -26.72 -19.16
N ALA A 367 -24.75 -27.52 -20.23
CA ALA A 367 -23.86 -28.70 -20.36
C ALA A 367 -22.40 -28.33 -20.14
N CYS A 368 -22.09 -27.08 -20.50
CA CYS A 368 -20.71 -26.56 -20.56
C CYS A 368 -20.22 -26.05 -19.19
N TYR A 369 -21.07 -25.30 -18.49
CA TYR A 369 -20.66 -24.74 -17.22
C TYR A 369 -21.27 -25.47 -16.00
N ALA A 370 -21.97 -26.57 -16.24
CA ALA A 370 -22.62 -27.30 -15.17
C ALA A 370 -21.63 -27.47 -13.99
N THR A 371 -20.38 -27.80 -14.31
CA THR A 371 -19.41 -28.22 -13.25
C THR A 371 -18.47 -27.07 -12.80
N VAL A 372 -18.84 -25.83 -13.16
CA VAL A 372 -17.96 -24.65 -12.96
C VAL A 372 -17.54 -24.56 -11.48
N PHE A 373 -18.45 -24.77 -10.55
CA PHE A 373 -18.00 -24.68 -9.12
C PHE A 373 -17.01 -25.72 -8.74
N ASP A 374 -17.19 -26.91 -9.28
CA ASP A 374 -16.28 -28.08 -8.98
C ASP A 374 -14.90 -27.65 -9.46
N LYS A 375 -14.89 -27.02 -10.63
CA LYS A 375 -13.67 -26.59 -11.28
C LYS A 375 -12.97 -25.40 -10.61
N LEU A 376 -13.77 -24.44 -10.11
CA LEU A 376 -13.20 -23.27 -9.36
C LEU A 376 -12.20 -23.62 -8.21
N LYS A 377 -12.35 -24.80 -7.66
CA LYS A 377 -11.64 -25.18 -6.44
C LYS A 377 -10.10 -25.11 -6.53
N HIS A 378 -9.52 -25.28 -7.75
CA HIS A 378 -8.05 -25.16 -7.88
C HIS A 378 -7.53 -23.78 -7.50
N LEU A 379 -8.36 -22.73 -7.65
CA LEU A 379 -7.97 -21.38 -7.29
C LEU A 379 -7.77 -21.15 -5.79
N VAL A 380 -8.26 -22.12 -5.01
CA VAL A 380 -8.14 -22.16 -3.56
C VAL A 380 -6.91 -23.04 -3.26
N ASP A 381 -6.82 -24.15 -3.95
CA ASP A 381 -5.76 -25.12 -3.67
C ASP A 381 -4.38 -24.55 -3.94
N GLU A 382 -4.24 -23.85 -5.07
CA GLU A 382 -2.94 -23.32 -5.54
C GLU A 382 -2.28 -22.43 -4.46
N PRO A 383 -3.01 -21.38 -3.98
CA PRO A 383 -2.36 -20.59 -2.93
C PRO A 383 -2.13 -21.37 -1.60
N GLN A 384 -2.97 -22.33 -1.27
CA GLN A 384 -2.81 -22.94 0.02
C GLN A 384 -1.52 -23.75 -0.07
N ASN A 385 -1.28 -24.33 -1.26
CA ASN A 385 -0.12 -25.13 -1.47
C ASN A 385 1.12 -24.29 -1.39
N LEU A 386 1.08 -23.10 -2.01
CA LEU A 386 2.22 -22.15 -2.01
C LEU A 386 2.54 -21.61 -0.61
N ILE A 387 1.49 -21.30 0.14
CA ILE A 387 1.65 -20.91 1.57
C ILE A 387 2.36 -22.01 2.36
N LYS A 388 1.92 -23.23 2.19
CA LYS A 388 2.47 -24.38 2.97
C LYS A 388 3.97 -24.53 2.63
N LYS A 389 4.33 -24.47 1.35
CA LYS A 389 5.74 -24.68 0.96
C LYS A 389 6.61 -23.56 1.51
N ASN A 390 6.13 -22.32 1.36
CA ASN A 390 6.91 -21.17 1.82
C ASN A 390 6.99 -20.94 3.32
N CYS A 391 5.92 -21.20 4.05
CA CYS A 391 6.04 -21.16 5.52
C CYS A 391 6.98 -22.31 6.04
N GLU A 392 6.97 -23.48 5.41
CA GLU A 392 7.98 -24.51 5.73
C GLU A 392 9.39 -24.00 5.63
N LEU A 393 9.69 -23.22 4.58
CA LEU A 393 11.04 -22.67 4.33
C LEU A 393 11.31 -21.63 5.43
N PHE A 394 10.33 -20.78 5.68
CA PHE A 394 10.47 -19.80 6.71
C PHE A 394 10.70 -20.44 8.07
N GLU A 395 9.97 -21.50 8.35
CA GLU A 395 10.07 -22.19 9.62
C GLU A 395 11.45 -22.80 9.77
N LYS A 396 12.02 -23.32 8.69
CA LYS A 396 13.33 -23.97 8.84
CA LYS A 396 13.35 -23.98 8.69
C LYS A 396 14.53 -22.99 8.86
N HIS A 397 14.34 -21.82 8.28
CA HIS A 397 15.41 -20.80 8.09
C HIS A 397 15.26 -19.45 8.73
N GLY A 398 14.06 -19.09 9.21
CA GLY A 398 13.83 -17.76 9.85
C GLY A 398 13.77 -16.62 8.83
N GLU A 399 13.43 -15.43 9.31
CA GLU A 399 13.15 -14.28 8.46
C GLU A 399 14.32 -13.89 7.54
N TYR A 400 15.52 -13.75 8.12
CA TYR A 400 16.70 -13.40 7.31
C TYR A 400 17.00 -14.38 6.16
N GLY A 401 17.16 -15.66 6.49
CA GLY A 401 17.36 -16.72 5.48
C GLY A 401 16.23 -16.77 4.45
N PHE A 402 15.00 -16.59 4.90
CA PHE A 402 13.83 -16.46 4.03
C PHE A 402 13.96 -15.26 3.10
N GLN A 403 14.42 -14.14 3.62
CA GLN A 403 14.58 -12.90 2.76
C GLN A 403 15.67 -13.23 1.77
N ASN A 404 16.67 -14.01 2.21
CA ASN A 404 17.77 -14.37 1.26
C ASN A 404 17.30 -15.26 0.06
N ALA A 405 16.46 -16.23 0.36
CA ALA A 405 15.86 -17.08 -0.62
C ALA A 405 15.07 -16.20 -1.58
N LEU A 406 14.31 -15.28 -1.02
CA LEU A 406 13.49 -14.34 -1.85
C LEU A 406 14.36 -13.38 -2.73
N ILE A 407 15.46 -12.87 -2.20
CA ILE A 407 16.40 -12.10 -2.99
C ILE A 407 16.86 -12.92 -4.18
N VAL A 408 17.24 -14.18 -3.89
CA VAL A 408 17.64 -15.07 -4.95
C VAL A 408 16.53 -15.25 -5.98
N ARG A 409 15.30 -15.53 -5.51
CA ARG A 409 14.17 -15.65 -6.46
C ARG A 409 13.87 -14.45 -7.33
N TYR A 410 13.83 -13.27 -6.72
CA TYR A 410 13.40 -12.04 -7.42
C TYR A 410 14.50 -11.49 -8.34
N THR A 411 15.78 -11.74 -7.97
CA THR A 411 16.91 -11.26 -8.80
C THR A 411 16.96 -12.10 -10.11
N ARG A 412 16.67 -13.42 -9.98
CA ARG A 412 16.50 -14.29 -11.13
C ARG A 412 15.34 -13.89 -11.96
N LYS A 413 14.22 -13.52 -11.33
CA LYS A 413 13.04 -13.21 -12.14
C LYS A 413 13.17 -11.85 -12.83
N ALA A 414 13.83 -10.90 -12.16
CA ALA A 414 13.95 -9.53 -12.67
C ALA A 414 15.31 -8.91 -12.37
N PRO A 415 16.37 -9.39 -13.03
CA PRO A 415 17.74 -8.98 -12.75
C PRO A 415 18.08 -7.54 -13.22
N GLN A 416 17.21 -6.97 -14.07
CA GLN A 416 17.29 -5.58 -14.57
C GLN A 416 16.91 -4.52 -13.53
N VAL A 417 16.19 -4.90 -12.48
CA VAL A 417 15.76 -4.02 -11.42
C VAL A 417 16.91 -3.57 -10.57
N SER A 418 16.83 -2.33 -10.07
CA SER A 418 17.95 -1.74 -9.34
C SER A 418 18.19 -2.59 -8.09
N THR A 419 19.45 -2.70 -7.75
CA THR A 419 19.89 -3.47 -6.56
C THR A 419 19.19 -2.93 -5.28
N PRO A 420 19.09 -1.58 -5.11
CA PRO A 420 18.37 -1.13 -3.92
C PRO A 420 16.90 -1.56 -3.92
N THR A 421 16.25 -1.55 -5.08
CA THR A 421 14.85 -2.00 -5.16
C THR A 421 14.72 -3.51 -4.96
N LEU A 422 15.55 -4.31 -5.63
CA LEU A 422 15.49 -5.80 -5.35
C LEU A 422 15.65 -6.08 -3.85
N VAL A 423 16.58 -5.39 -3.19
CA VAL A 423 16.83 -5.61 -1.76
C VAL A 423 15.63 -5.11 -0.98
N GLU A 424 15.21 -3.87 -1.24
CA GLU A 424 14.07 -3.33 -0.48
C GLU A 424 12.90 -4.30 -0.61
N ILE A 425 12.54 -4.66 -1.85
CA ILE A 425 11.33 -5.49 -2.06
C ILE A 425 11.47 -6.88 -1.45
N SER A 426 12.64 -7.49 -1.64
CA SER A 426 12.85 -8.86 -1.12
C SER A 426 12.75 -8.91 0.36
N ARG A 427 13.38 -7.95 1.02
CA ARG A 427 13.26 -7.82 2.46
C ARG A 427 11.81 -7.68 2.96
N SER A 428 11.04 -6.83 2.28
CA SER A 428 9.63 -6.66 2.57
C SER A 428 8.82 -7.90 2.40
N LEU A 429 9.01 -8.57 1.28
CA LEU A 429 8.32 -9.87 1.03
C LEU A 429 8.64 -10.89 2.14
N GLY A 430 9.91 -11.00 2.56
CA GLY A 430 10.29 -12.04 3.61
C GLY A 430 9.56 -11.87 4.96
N LYS A 431 9.20 -10.63 5.29
CA LYS A 431 8.45 -10.29 6.51
C LYS A 431 7.04 -10.88 6.54
N VAL A 432 6.53 -11.35 5.42
CA VAL A 432 5.24 -12.08 5.35
C VAL A 432 5.31 -13.34 6.21
N GLY A 433 6.51 -13.94 6.29
CA GLY A 433 6.65 -15.15 7.12
C GLY A 433 6.40 -14.90 8.61
N THR A 434 7.13 -13.92 9.19
CA THR A 434 6.81 -13.42 10.55
C THR A 434 5.37 -12.98 10.69
N LYS A 435 4.87 -12.21 9.72
CA LYS A 435 3.48 -11.70 9.83
C LYS A 435 2.44 -12.82 9.81
N CYS A 436 2.65 -13.90 9.05
CA CYS A 436 1.48 -14.67 8.68
C CYS A 436 1.67 -16.17 8.90
N CYS A 437 2.93 -16.68 8.92
CA CYS A 437 3.04 -18.16 8.87
C CYS A 437 2.47 -18.92 10.04
N ALA A 438 2.40 -18.29 11.19
CA ALA A 438 1.88 -18.90 12.40
C ALA A 438 0.39 -18.63 12.61
N LYS A 439 -0.25 -17.91 11.71
CA LYS A 439 -1.72 -17.80 11.74
C LYS A 439 -2.39 -19.15 11.42
N PRO A 440 -3.64 -19.39 11.98
CA PRO A 440 -4.49 -20.54 11.66
C PRO A 440 -5.14 -20.36 10.27
N GLU A 441 -5.91 -21.38 9.83
CA GLU A 441 -6.55 -21.45 8.50
C GLU A 441 -7.59 -20.42 8.20
N SER A 442 -8.40 -20.08 9.18
CA SER A 442 -9.32 -18.95 9.12
C SER A 442 -8.69 -17.64 8.50
N GLU A 443 -7.36 -17.46 8.68
CA GLU A 443 -6.75 -16.15 8.44
C GLU A 443 -5.45 -16.18 7.65
N ARG A 444 -4.77 -17.33 7.58
CA ARG A 444 -3.51 -17.34 6.89
C ARG A 444 -3.56 -16.95 5.34
N MET A 445 -4.60 -17.35 4.60
CA MET A 445 -4.71 -16.99 3.17
C MET A 445 -4.89 -15.46 2.96
N PRO A 446 -5.92 -14.86 3.61
CA PRO A 446 -6.03 -13.35 3.59
C PRO A 446 -4.75 -12.65 4.03
N CYS A 447 -4.13 -13.10 5.12
CA CYS A 447 -2.89 -12.40 5.63
C CYS A 447 -1.80 -12.36 4.53
N THR A 448 -1.46 -13.54 3.97
CA THR A 448 -0.40 -13.61 2.92
C THR A 448 -0.75 -12.85 1.64
N GLU A 449 -1.89 -13.13 1.06
CA GLU A 449 -2.32 -12.48 -0.19
C GLU A 449 -2.45 -10.98 -0.08
N ASP A 450 -3.01 -10.50 1.03
CA ASP A 450 -3.14 -9.05 1.23
C ASP A 450 -1.79 -8.39 1.28
N TYR A 451 -0.93 -8.96 2.13
CA TYR A 451 0.39 -8.39 2.45
C TYR A 451 1.24 -8.45 1.14
N LEU A 452 1.30 -9.63 0.49
CA LEU A 452 2.04 -9.71 -0.79
C LEU A 452 1.43 -8.74 -1.81
N SER A 453 0.15 -8.59 -1.89
CA SER A 453 -0.36 -7.52 -2.83
C SER A 453 0.22 -6.14 -2.58
N LEU A 454 0.39 -5.79 -1.31
CA LEU A 454 0.88 -4.43 -0.96
C LEU A 454 2.32 -4.24 -1.41
N ILE A 455 3.13 -5.29 -1.20
CA ILE A 455 4.53 -5.16 -1.49
C ILE A 455 4.70 -5.20 -2.99
N LEU A 456 3.97 -6.06 -3.70
CA LEU A 456 4.17 -6.16 -5.22
C LEU A 456 3.68 -4.85 -5.81
N ASN A 457 2.69 -4.23 -5.19
CA ASN A 457 2.25 -2.92 -5.72
C ASN A 457 3.36 -1.87 -5.60
N ARG A 458 4.10 -1.87 -4.49
CA ARG A 458 5.26 -0.97 -4.35
C ARG A 458 6.29 -1.18 -5.50
N LEU A 459 6.54 -2.45 -5.81
CA LEU A 459 7.43 -2.79 -6.91
C LEU A 459 6.90 -2.21 -8.22
N CYS A 460 5.59 -2.40 -8.43
CA CYS A 460 4.99 -1.92 -9.70
C CYS A 460 5.11 -0.40 -9.80
N VAL A 461 4.83 0.25 -8.68
CA VAL A 461 4.98 1.70 -8.60
C VAL A 461 6.43 2.13 -8.93
N LEU A 462 7.42 1.45 -8.36
CA LEU A 462 8.79 1.76 -8.68
C LEU A 462 9.15 1.43 -10.11
N HIS A 463 8.69 0.27 -10.58
CA HIS A 463 8.96 -0.13 -11.94
C HIS A 463 8.32 0.85 -12.97
N GLU A 464 7.17 1.39 -12.64
CA GLU A 464 6.46 2.30 -13.61
C GLU A 464 7.32 3.54 -13.83
N LYS A 465 7.95 4.00 -12.74
CA LYS A 465 8.84 5.15 -12.82
C LYS A 465 10.01 4.98 -13.79
N THR A 466 10.68 3.85 -13.77
CA THR A 466 11.70 3.56 -14.77
C THR A 466 11.62 2.11 -15.19
N PRO A 467 10.88 1.81 -16.27
CA PRO A 467 10.67 0.43 -16.69
C PRO A 467 11.96 -0.22 -17.17
N VAL A 468 12.28 -1.37 -16.63
CA VAL A 468 13.56 -2.09 -16.99
C VAL A 468 13.38 -3.51 -17.35
N SER A 469 12.32 -4.15 -16.81
CA SER A 469 12.16 -5.59 -16.95
C SER A 469 10.88 -5.87 -17.72
N GLU A 470 10.97 -6.60 -18.83
CA GLU A 470 9.77 -6.90 -19.60
C GLU A 470 8.77 -7.76 -18.79
N LYS A 471 9.30 -8.61 -17.92
CA LYS A 471 8.46 -9.53 -17.13
C LYS A 471 7.78 -8.81 -16.02
N VAL A 472 8.46 -7.84 -15.42
CA VAL A 472 7.81 -7.11 -14.37
C VAL A 472 6.73 -6.22 -15.02
N THR A 473 7.04 -5.63 -16.17
CA THR A 473 6.02 -4.90 -16.91
C THR A 473 4.79 -5.81 -17.09
N LYS A 474 4.99 -7.03 -17.62
CA LYS A 474 3.86 -7.99 -17.82
C LYS A 474 3.03 -8.19 -16.52
N CYS A 475 3.67 -8.63 -15.47
CA CYS A 475 2.96 -8.93 -14.22
C CYS A 475 2.27 -7.70 -13.60
N CYS A 476 2.86 -6.50 -13.76
CA CYS A 476 2.24 -5.25 -13.23
C CYS A 476 1.09 -4.71 -14.10
N THR A 477 0.90 -5.21 -15.35
CA THR A 477 -0.14 -4.55 -16.21
C THR A 477 -1.18 -5.53 -16.69
N GLU A 478 -0.85 -6.80 -16.59
CA GLU A 478 -1.69 -7.83 -17.16
C GLU A 478 -3.04 -7.83 -16.50
N SER A 479 -3.11 -7.99 -15.17
CA SER A 479 -4.41 -8.12 -14.47
C SER A 479 -4.07 -7.94 -13.04
N LEU A 480 -4.79 -7.08 -12.38
CA LEU A 480 -4.55 -6.79 -10.98
C LEU A 480 -4.74 -7.99 -10.06
N VAL A 481 -5.75 -8.80 -10.31
CA VAL A 481 -6.00 -9.84 -9.35
C VAL A 481 -5.14 -11.03 -9.61
N ASN A 482 -4.53 -11.08 -10.82
CA ASN A 482 -3.53 -12.12 -11.10
C ASN A 482 -2.11 -11.67 -10.87
N ARG A 483 -1.93 -10.50 -10.30
CA ARG A 483 -0.56 -9.96 -10.11
C ARG A 483 0.28 -10.91 -9.31
N ARG A 484 -0.24 -11.32 -8.15
CA ARG A 484 0.62 -12.20 -7.29
C ARG A 484 0.98 -13.53 -7.96
N PRO A 485 -0.03 -14.29 -8.43
CA PRO A 485 0.28 -15.50 -9.17
C PRO A 485 1.21 -15.26 -10.34
N CYS A 486 1.05 -14.12 -11.02
CA CYS A 486 1.97 -13.81 -12.09
C CYS A 486 3.46 -13.75 -11.60
N PHE A 487 3.76 -12.94 -10.56
CA PHE A 487 5.07 -12.83 -10.04
C PHE A 487 5.52 -14.21 -9.54
N SER A 488 4.64 -14.90 -8.83
CA SER A 488 5.05 -16.28 -8.31
C SER A 488 5.48 -17.23 -9.45
N ASP A 489 4.84 -17.12 -10.61
CA ASP A 489 5.10 -17.99 -11.76
C ASP A 489 6.21 -17.50 -12.72
N LEU A 490 6.74 -16.30 -12.53
CA LEU A 490 7.89 -15.90 -13.32
C LEU A 490 9.07 -16.87 -13.06
N THR A 491 9.83 -17.14 -14.11
CA THR A 491 11.00 -18.00 -14.01
C THR A 491 12.24 -17.11 -14.26
N LEU A 492 13.43 -17.69 -14.19
CA LEU A 492 14.68 -16.95 -14.42
C LEU A 492 14.61 -16.30 -15.78
N ASP A 493 14.96 -15.02 -15.85
CA ASP A 493 14.80 -14.20 -17.07
C ASP A 493 16.10 -14.41 -17.89
N GLU A 494 15.99 -15.27 -18.88
CA GLU A 494 17.10 -15.61 -19.74
C GLU A 494 17.42 -14.59 -20.77
N THR A 495 16.56 -13.60 -20.90
CA THR A 495 16.78 -12.51 -21.87
C THR A 495 17.87 -11.57 -21.38
N TYR A 496 18.15 -11.64 -20.08
CA TYR A 496 19.10 -10.76 -19.45
C TYR A 496 20.56 -11.22 -19.71
N VAL A 497 21.42 -10.33 -20.22
CA VAL A 497 22.85 -10.70 -20.40
C VAL A 497 23.70 -10.23 -19.21
N PRO A 498 24.31 -11.17 -18.45
CA PRO A 498 25.06 -10.75 -17.28
C PRO A 498 26.16 -9.83 -17.72
N LYS A 499 26.58 -8.88 -16.89
CA LYS A 499 27.83 -8.16 -17.20
C LYS A 499 28.91 -8.81 -16.36
N PRO A 500 30.05 -9.19 -17.00
CA PRO A 500 31.06 -10.04 -16.32
C PRO A 500 31.65 -9.46 -15.03
N PHE A 501 32.34 -10.35 -14.30
CA PHE A 501 33.20 -9.96 -13.18
C PHE A 501 34.44 -9.31 -13.74
N ASP A 502 34.56 -7.99 -13.55
CA ASP A 502 35.74 -7.23 -13.98
C ASP A 502 36.99 -7.53 -13.13
N GLY A 503 36.77 -8.23 -12.00
CA GLY A 503 37.79 -8.43 -10.96
C GLY A 503 37.52 -7.33 -9.96
N GLU A 504 37.32 -7.75 -8.69
CA GLU A 504 37.05 -6.80 -7.59
C GLU A 504 35.80 -5.88 -7.85
N SER A 505 34.75 -6.48 -8.41
CA SER A 505 33.50 -5.80 -8.82
C SER A 505 32.75 -5.10 -7.66
N PHE A 506 32.58 -5.81 -6.55
CA PHE A 506 32.02 -5.28 -5.30
C PHE A 506 33.01 -5.54 -4.17
N THR A 507 33.40 -4.47 -3.48
CA THR A 507 34.43 -4.53 -2.46
C THR A 507 33.88 -4.04 -1.12
N PHE A 508 33.90 -4.94 -0.13
CA PHE A 508 33.60 -4.59 1.26
C PHE A 508 34.80 -3.78 1.82
N HIS A 509 34.50 -2.88 2.77
CA HIS A 509 35.50 -2.03 3.44
C HIS A 509 35.18 -1.77 4.91
N ALA A 510 36.20 -1.38 5.68
CA ALA A 510 36.14 -1.26 7.15
C ALA A 510 34.97 -0.46 7.75
N ASP A 511 34.39 0.44 6.97
CA ASP A 511 33.27 1.26 7.40
C ASP A 511 32.00 0.43 7.67
N ILE A 512 31.97 -0.80 7.13
CA ILE A 512 30.84 -1.71 7.36
C ILE A 512 30.76 -2.15 8.83
N CYS A 513 31.95 -2.28 9.44
CA CYS A 513 32.14 -2.84 10.80
C CYS A 513 31.38 -2.15 11.91
N THR A 514 31.13 -0.85 11.76
CA THR A 514 30.50 -0.01 12.79
C THR A 514 29.00 0.24 12.57
N LEU A 515 28.38 -0.49 11.67
CA LEU A 515 26.99 -0.24 11.36
C LEU A 515 26.08 -1.07 12.28
N PRO A 516 24.83 -0.62 12.52
CA PRO A 516 23.90 -1.50 13.25
C PRO A 516 23.64 -2.77 12.42
N ASP A 517 23.35 -3.89 13.08
CA ASP A 517 23.32 -5.19 12.35
C ASP A 517 22.33 -5.27 11.22
N THR A 518 21.25 -4.51 11.32
CA THR A 518 20.29 -4.41 10.23
C THR A 518 21.02 -3.91 9.00
N GLU A 519 21.80 -2.87 9.18
CA GLU A 519 22.47 -2.25 8.05
C GLU A 519 23.57 -3.15 7.47
N LYS A 520 24.27 -3.88 8.36
CA LYS A 520 25.27 -4.89 7.97
C LYS A 520 24.67 -5.95 7.06
N GLN A 521 23.55 -6.53 7.49
CA GLN A 521 22.74 -7.46 6.68
C GLN A 521 22.40 -6.95 5.32
N ILE A 522 21.87 -5.73 5.25
CA ILE A 522 21.49 -5.11 3.98
C ILE A 522 22.71 -4.99 3.07
N LYS A 523 23.85 -4.65 3.63
CA LYS A 523 25.10 -4.62 2.88
C LYS A 523 25.43 -6.01 2.33
N LYS A 524 25.28 -7.07 3.15
CA LYS A 524 25.48 -8.44 2.67
C LYS A 524 24.43 -8.82 1.61
N GLN A 525 23.19 -8.41 1.80
CA GLN A 525 22.10 -8.76 0.88
C GLN A 525 22.29 -8.06 -0.45
N THR A 526 22.88 -6.85 -0.44
CA THR A 526 23.23 -6.07 -1.64
C THR A 526 24.32 -6.76 -2.34
N ALA A 527 25.30 -7.28 -1.55
CA ALA A 527 26.41 -8.09 -2.10
C ALA A 527 25.91 -9.30 -2.86
N LEU A 528 24.90 -9.96 -2.27
CA LEU A 528 24.22 -11.14 -2.82
C LEU A 528 23.56 -10.79 -4.15
N VAL A 529 22.80 -9.69 -4.21
CA VAL A 529 22.10 -9.29 -5.44
C VAL A 529 23.12 -9.06 -6.54
N GLU A 530 24.21 -8.38 -6.19
CA GLU A 530 25.28 -8.08 -7.13
C GLU A 530 25.98 -9.34 -7.64
N LEU A 531 26.12 -10.34 -6.79
CA LEU A 531 26.69 -11.62 -7.21
C LEU A 531 25.82 -12.27 -8.33
N LEU A 532 24.53 -12.34 -8.04
CA LEU A 532 23.56 -12.89 -8.95
C LEU A 532 23.49 -12.11 -10.24
N LYS A 533 23.67 -10.79 -10.20
CA LYS A 533 23.61 -10.00 -11.47
C LYS A 533 24.82 -10.33 -12.41
N HIS A 534 25.99 -10.58 -11.82
CA HIS A 534 27.19 -11.14 -12.56
C HIS A 534 27.09 -12.60 -12.97
N LYS A 535 26.50 -13.43 -12.13
CA LYS A 535 26.39 -14.88 -12.44
C LYS A 535 24.95 -15.28 -12.33
N PRO A 536 24.13 -14.86 -13.33
CA PRO A 536 22.69 -14.98 -13.17
C PRO A 536 22.28 -16.43 -13.15
N LYS A 537 23.14 -17.31 -13.64
CA LYS A 537 22.91 -18.80 -13.59
C LYS A 537 23.53 -19.55 -12.41
N ALA A 538 24.01 -18.84 -11.38
CA ALA A 538 24.62 -19.55 -10.24
C ALA A 538 23.60 -20.44 -9.57
N THR A 539 24.04 -21.59 -9.05
CA THR A 539 23.14 -22.42 -8.35
C THR A 539 22.89 -21.90 -6.96
N ASP A 540 21.77 -22.37 -6.39
CA ASP A 540 21.51 -22.21 -4.92
C ASP A 540 22.70 -22.55 -4.04
N GLU A 541 23.34 -23.69 -4.28
CA GLU A 541 24.56 -24.07 -3.54
C GLU A 541 25.74 -23.10 -3.65
N GLN A 542 25.99 -22.68 -4.88
CA GLN A 542 27.10 -21.79 -5.15
C GLN A 542 26.79 -20.47 -4.45
N LEU A 543 25.53 -20.00 -4.52
CA LEU A 543 25.18 -18.77 -3.78
C LEU A 543 25.29 -18.90 -2.28
N LYS A 544 24.77 -19.99 -1.72
CA LYS A 544 25.05 -20.31 -0.27
C LYS A 544 26.54 -20.21 0.07
N THR A 545 27.40 -20.90 -0.70
CA THR A 545 28.87 -20.88 -0.49
C THR A 545 29.50 -19.50 -0.54
N VAL A 546 29.21 -18.74 -1.59
CA VAL A 546 29.73 -17.38 -1.66
C VAL A 546 29.21 -16.49 -0.52
N MET A 547 27.93 -16.53 -0.23
CA MET A 547 27.39 -15.75 0.92
C MET A 547 28.08 -16.14 2.27
N GLU A 548 28.35 -17.44 2.48
CA GLU A 548 29.13 -17.86 3.69
C GLU A 548 30.51 -17.28 3.71
N ASN A 549 31.16 -17.28 2.55
CA ASN A 549 32.47 -16.67 2.44
C ASN A 549 32.47 -15.16 2.61
N PHE A 550 31.40 -14.50 2.15
CA PHE A 550 31.15 -13.07 2.43
C PHE A 550 31.04 -12.86 3.93
N VAL A 551 30.13 -13.56 4.63
CA VAL A 551 29.93 -13.48 6.12
C VAL A 551 31.21 -13.73 6.92
N ALA A 552 31.95 -14.77 6.55
CA ALA A 552 33.25 -15.09 7.15
C ALA A 552 34.27 -13.97 6.93
N PHE A 553 34.28 -13.42 5.72
CA PHE A 553 35.26 -12.36 5.30
C PHE A 553 35.05 -11.10 6.15
N VAL A 554 33.80 -10.68 6.29
CA VAL A 554 33.51 -9.46 7.08
C VAL A 554 33.71 -9.65 8.59
N ASP A 555 33.24 -10.77 9.11
CA ASP A 555 33.47 -11.13 10.54
C ASP A 555 34.96 -11.10 10.86
N LYS A 556 35.75 -11.77 10.01
CA LYS A 556 37.20 -11.83 10.20
C LYS A 556 37.84 -10.43 10.16
N CYS A 557 37.50 -9.64 9.14
CA CYS A 557 38.19 -8.35 8.96
C CYS A 557 37.76 -7.33 9.99
N CYS A 558 36.49 -7.34 10.35
CA CYS A 558 36.04 -6.47 11.43
C CYS A 558 36.62 -6.84 12.80
N ALA A 559 37.22 -8.01 12.93
CA ALA A 559 37.89 -8.42 14.19
C ALA A 559 39.36 -8.06 14.22
N ALA A 560 39.93 -7.74 13.06
CA ALA A 560 41.36 -7.47 12.97
C ALA A 560 41.78 -6.24 13.78
N ASP A 561 42.99 -6.27 14.32
CA ASP A 561 43.61 -5.07 14.86
C ASP A 561 43.60 -4.00 13.72
N ASP A 562 44.19 -4.34 12.58
CA ASP A 562 44.13 -3.47 11.42
C ASP A 562 42.99 -3.89 10.44
N LYS A 563 41.88 -3.14 10.42
CA LYS A 563 40.64 -3.57 9.72
C LYS A 563 40.68 -3.38 8.19
N GLU A 564 41.01 -2.16 7.72
CA GLU A 564 41.11 -1.85 6.29
C GLU A 564 42.22 -2.63 5.61
N GLY A 565 43.28 -2.91 6.35
CA GLY A 565 44.38 -3.71 5.83
C GLY A 565 43.83 -5.06 5.44
N CYS A 566 43.16 -5.72 6.40
CA CYS A 566 42.49 -7.03 6.25
C CYS A 566 41.65 -7.07 4.96
N PHE A 567 40.74 -6.12 4.81
CA PHE A 567 39.94 -5.94 3.60
C PHE A 567 40.75 -5.87 2.29
N LEU A 568 41.80 -5.06 2.27
CA LEU A 568 42.65 -4.88 1.08
C LEU A 568 43.44 -6.11 0.73
N LEU A 569 43.98 -6.72 1.78
CA LEU A 569 44.76 -7.92 1.62
C LEU A 569 43.85 -9.11 1.27
N GLU A 570 42.90 -9.43 2.15
CA GLU A 570 42.08 -10.63 2.00
C GLU A 570 41.05 -10.56 0.87
N GLY A 571 40.75 -9.34 0.40
CA GLY A 571 39.88 -9.10 -0.77
C GLY A 571 40.17 -10.01 -1.96
N PRO A 572 41.35 -9.88 -2.63
CA PRO A 572 41.76 -10.79 -3.73
C PRO A 572 41.58 -12.30 -3.49
N LYS A 573 41.93 -12.79 -2.32
CA LYS A 573 41.70 -14.19 -1.93
C LYS A 573 40.25 -14.57 -2.10
N LEU A 574 39.36 -13.67 -1.65
CA LEU A 574 37.91 -13.89 -1.73
C LEU A 574 37.45 -13.90 -3.18
N VAL A 575 37.97 -12.98 -3.97
CA VAL A 575 37.69 -12.90 -5.40
C VAL A 575 38.09 -14.22 -6.06
N ALA A 576 39.31 -14.70 -5.77
CA ALA A 576 39.81 -15.97 -6.38
C ALA A 576 39.01 -17.19 -5.96
N SER A 577 38.73 -17.31 -4.67
CA SER A 577 38.07 -18.50 -4.17
C SER A 577 36.70 -18.51 -4.78
N THR A 578 36.08 -17.31 -4.93
CA THR A 578 34.75 -17.11 -5.50
C THR A 578 34.69 -17.48 -6.96
N GLN A 579 35.62 -16.92 -7.73
CA GLN A 579 35.73 -17.25 -9.14
C GLN A 579 35.82 -18.75 -9.34
N ALA A 580 36.57 -19.41 -8.48
CA ALA A 580 36.77 -20.84 -8.64
C ALA A 580 35.51 -21.60 -8.18
N ALA A 581 34.74 -21.00 -7.28
CA ALA A 581 33.48 -21.57 -6.84
C ALA A 581 32.40 -21.43 -7.93
N LEU A 582 32.40 -20.33 -8.68
CA LEU A 582 31.35 -20.05 -9.66
C LEU A 582 31.59 -20.68 -11.03
N ALA A 583 32.78 -21.22 -11.21
CA ALA A 583 33.04 -22.14 -12.29
C ALA A 583 32.47 -23.51 -11.86
C DIU B . -12.33 3.08 4.57
O1 DIU B . -11.90 4.22 4.76
O2 DIU B . -11.65 2.19 3.97
O3 DIU B . -13.52 0.41 4.41
C1 DIU B . -13.71 2.76 5.05
C2 DIU B . -14.26 1.42 4.96
C3 DIU B . -15.60 1.19 5.44
C4 DIU B . -16.33 2.23 5.94
C5 DIU B . -15.76 3.49 6.08
C6 DIU B . -14.47 3.77 5.61
I1 DIU B . -16.45 -0.72 5.34
I2 DIU B . -16.86 5.03 6.90
C DIU C . -8.54 -2.04 0.74
O1 DIU C . -8.31 -2.30 1.95
O2 DIU C . -9.53 -1.37 0.38
O3 DIU C . -6.35 -3.84 1.45
C1 DIU C . -7.66 -2.67 -0.30
C2 DIU C . -6.59 -3.62 0.13
C3 DIU C . -5.80 -4.28 -0.88
C4 DIU C . -6.06 -4.03 -2.30
C5 DIU C . -7.12 -3.09 -2.71
C6 DIU C . -7.90 -2.44 -1.70
I1 DIU C . -4.27 -5.65 -0.22
I2 DIU C . -7.53 -2.68 -4.82
C DIU D . 5.45 -16.88 -3.01
O1 DIU D . 6.63 -16.70 -2.63
O2 DIU D . 5.16 -17.04 -4.23
O3 DIU D . 6.00 -17.06 -0.14
C1 DIU D . 4.37 -16.99 -1.97
C2 DIU D . 4.72 -17.07 -0.54
C3 DIU D . 3.67 -17.17 0.45
C4 DIU D . 2.36 -17.19 0.03
C5 DIU D . 2.02 -17.12 -1.31
C6 DIU D . 3.02 -17.00 -2.33
I1 DIU D . 4.13 -17.36 2.49
I2 DIU D . 0.01 -17.04 -1.79
C DIU E . 6.94 7.55 10.30
C DIU E . 6.53 8.00 8.43
O1 DIU E . 8.10 7.26 9.94
O1 DIU E . 6.50 6.76 8.23
O2 DIU E . 5.96 7.53 9.51
O2 DIU E . 6.73 8.82 7.50
O3 DIU E . 4.50 6.81 11.69
O3 DIU E . 7.31 10.69 9.28
C1 DIU E . 6.69 7.90 11.74
C1 DIU E . 6.31 8.51 9.82
C2 DIU E . 5.44 7.50 12.39
C2 DIU E . 6.72 9.88 10.18
C3 DIU E . 5.20 7.87 13.79
C3 DIU E . 6.48 10.35 11.54
C4 DIU E . 6.19 8.59 14.47
C4 DIU E . 5.89 9.50 12.47
C5 DIU E . 7.38 8.97 13.84
C5 DIU E . 5.49 8.20 12.10
C6 DIU E . 7.63 8.63 12.48
C6 DIU E . 5.70 7.70 10.79
I1 DIU E . 3.43 7.33 14.76
I1 DIU E . 7.04 12.27 12.11
I2 DIU E . 8.80 10.05 14.93
I2 DIU E . 4.59 6.98 13.53
C DIU F . 18.11 -19.88 3.01
O1 DIU F . 18.85 -19.65 4.00
O2 DIU F . 17.01 -20.47 3.12
O3 DIU F . 20.48 -18.15 2.52
C1 DIU F . 18.61 -19.51 1.62
C2 DIU F . 19.81 -18.66 1.44
C3 DIU F . 20.26 -18.38 0.04
C4 DIU F . 19.56 -18.90 -0.99
C5 DIU F . 18.42 -19.69 -0.79
C6 DIU F . 17.96 -20.01 0.50
I1 DIU F . 21.94 -17.21 -0.35
I2 DIU F . 17.44 -20.43 -2.43
C DIU G . 1.44 25.80 13.34
O1 DIU G . 1.76 26.76 14.05
O2 DIU G . 2.30 25.00 12.90
O3 DIU G . 0.50 23.52 11.78
C1 DIU G . 0.02 25.60 12.99
C2 DIU G . -0.40 24.44 12.21
C3 DIU G . -1.82 24.28 11.89
C4 DIU G . -2.73 25.23 12.34
C5 DIU G . -2.30 26.34 13.10
C6 DIU G . -0.94 26.51 13.42
I1 DIU G . -2.47 22.66 10.75
I2 DIU G . -3.68 27.74 13.75
C1 CIT H . -16.33 -23.34 -1.78
O1 CIT H . -15.26 -22.79 -2.26
O2 CIT H . -16.35 -24.00 -0.71
C2 CIT H . -17.67 -23.20 -2.51
C3 CIT H . -18.89 -23.64 -1.67
O7 CIT H . -19.02 -22.59 -0.72
C4 CIT H . -20.15 -23.73 -2.54
C5 CIT H . -21.43 -23.24 -1.83
O3 CIT H . -21.41 -22.36 -0.92
O4 CIT H . -22.51 -23.73 -2.22
C6 CIT H . -18.64 -25.06 -1.05
O5 CIT H . -18.80 -25.26 0.19
O6 CIT H . -18.23 -26.01 -1.77
O5 JEF I . -10.07 -6.96 -8.76
C13 JEF I . -9.19 -6.08 -8.97
C15 JEF I . -8.52 -6.83 -9.90
C14 JEF I . -8.64 -5.76 -7.59
O6 JEF I . -7.66 -6.63 -7.10
C16 JEF I . -7.37 -6.28 -5.76
C30 JEF I . -6.21 -7.07 -5.14
C31 JEF I . -6.07 -8.52 -5.65
N1 JEF I . -5.01 -6.20 -5.18
C2 AE4 J . -20.68 -4.31 -8.60
C3 AE4 J . -19.15 -4.21 -8.65
O4 AE4 J . -18.54 -5.45 -8.98
C5 AE4 J . -17.72 -5.26 -10.15
C6 AE4 J . -18.01 -6.36 -11.16
O7 AE4 J . -17.42 -7.52 -10.61
C8 AE4 J . -16.62 -8.10 -11.63
C9 AE4 J . -16.52 -9.55 -11.19
C11 AE4 J . -14.38 -10.00 -10.63
O10 AE4 J . -15.33 -10.11 -11.69
C12 AE4 J . -13.09 -10.68 -11.05
O13 AE4 J . -12.07 -9.84 -10.69
C14 AE4 J . -12.35 -8.43 -10.63
C15 AE4 J . -12.28 -7.61 -11.94
O16 AE4 J . -13.53 -6.87 -12.05
C17 AE4 J . -13.40 -5.46 -11.98
C18 AE4 J . -13.12 -4.80 -13.33
O19 AE4 J . -11.77 -4.36 -13.25
#